data_3FP4
#
_entry.id   3FP4
#
_cell.length_a   47.820
_cell.length_b   116.025
_cell.length_c   150.649
_cell.angle_alpha   90.00
_cell.angle_beta   90.00
_cell.angle_gamma   90.00
#
_symmetry.space_group_name_H-M   'P 21 21 21'
#
loop_
_entity.id
_entity.type
_entity.pdbx_description
1 polymer 'TPR repeat-containing protein YHR117W'
2 polymer Ssa1
3 non-polymer 'CHLORIDE ION'
4 non-polymer 'SODIUM ION'
5 non-polymer 'SULFATE ION'
6 water water
#
loop_
_entity_poly.entity_id
_entity_poly.type
_entity_poly.pdbx_seq_one_letter_code
_entity_poly.pdbx_strand_id
1 'polypeptide(L)'
;GSHMNGEPDIAQLKGLSPSQRQAYAVQLKNRGNHFFTAKNFNEAIKYYQYAIELDPNEPVFYSNISACYISTGDLEKVIE
FTTKALEIKPDHSKALLRRASANESLGNFTDAMFDLSVLSLNGDFDGASIEPMLERNLNKQAMKVLNENLSKDEGRGSQV
LPSNTSLASFFGIFDSHLEVSSVNTSSNYDTAYALLSDALQRLYSATDEGYLVANDLLTKSTDMYHSLLSANTVDDPLRE
NAALALCYTGIFHFLKNNLLDAQVLLQESINLHPTPNSYIFLALTLADKENSQEFFKFFQKAVDLNPEYPPTYYHRGQMY
FILQDYKNAKEDFQKAQSLNPENVYPYIQLACLLYKQGKFTESEAFFNETKLKFPTLPEVPTFFAEILTDRGDFDTAIKQ
YDIAKRLEEVQEKIHVGIGPLIGKATILARQSSQDPTQLDEEKFNAAIKLLTKACELDPRSEQAKIGLAQLKLQMEKIDE
AIELFEDSAILARTMDEKLQATTFAEAAKIQKRLRADPIISAKMELTLARYRAKGML
;
A
2 'polypeptide(L)' GADNGPTVEEVD Q
#
# COMPACT_ATOMS: atom_id res chain seq x y z
N GLU A 7 1.06 -22.81 56.82
CA GLU A 7 0.81 -23.47 58.16
C GLU A 7 -0.02 -24.80 58.14
N PRO A 8 -1.01 -24.96 57.19
CA PRO A 8 -1.71 -26.27 57.03
C PRO A 8 -0.84 -27.51 56.84
N ASP A 9 -1.20 -28.54 57.59
CA ASP A 9 -0.56 -29.85 57.61
C ASP A 9 -1.15 -30.64 56.44
N ILE A 10 -0.69 -30.43 55.22
N ILE A 10 -0.67 -30.37 55.23
CA ILE A 10 -1.39 -30.98 54.06
CA ILE A 10 -1.24 -30.95 54.02
C ILE A 10 -1.33 -32.53 53.91
C ILE A 10 -1.37 -32.48 54.10
N ALA A 11 -0.28 -33.14 54.44
CA ALA A 11 -0.25 -34.60 54.76
C ALA A 11 -1.49 -35.12 55.52
N GLN A 12 -1.84 -34.49 56.64
CA GLN A 12 -3.04 -34.90 57.39
C GLN A 12 -4.35 -34.66 56.61
N LEU A 13 -4.44 -33.51 55.95
CA LEU A 13 -5.68 -33.10 55.27
C LEU A 13 -6.06 -34.08 54.15
N LYS A 14 -5.07 -34.48 53.37
CA LYS A 14 -5.19 -35.54 52.36
C LYS A 14 -5.83 -36.85 52.86
N GLY A 15 -5.59 -37.17 54.12
CA GLY A 15 -6.16 -38.36 54.73
C GLY A 15 -7.58 -38.15 55.22
N LEU A 16 -8.21 -37.02 54.84
CA LEU A 16 -9.60 -36.78 55.31
C LEU A 16 -10.57 -37.25 54.23
N SER A 17 -11.85 -37.39 54.59
CA SER A 17 -12.96 -37.73 53.66
C SER A 17 -13.07 -36.77 52.51
N PRO A 18 -13.85 -37.13 51.46
CA PRO A 18 -13.83 -36.35 50.20
C PRO A 18 -14.47 -34.94 50.27
N SER A 19 -15.62 -34.82 50.94
CA SER A 19 -16.21 -33.54 51.39
C SER A 19 -15.31 -32.67 52.29
N GLN A 20 -14.64 -33.27 53.29
CA GLN A 20 -13.63 -32.57 54.10
C GLN A 20 -12.44 -32.02 53.32
N ARG A 21 -11.97 -32.76 52.32
CA ARG A 21 -10.86 -32.30 51.54
C ARG A 21 -11.31 -31.15 50.69
N GLN A 22 -12.52 -31.29 50.13
N GLN A 22 -12.51 -31.22 50.08
N GLN A 22 -12.52 -31.31 50.12
CA GLN A 22 -13.18 -30.22 49.39
CA GLN A 22 -13.01 -30.04 49.34
CA GLN A 22 -13.21 -30.25 49.39
C GLN A 22 -13.35 -28.97 50.28
C GLN A 22 -13.38 -28.88 50.27
C GLN A 22 -13.32 -28.99 50.29
N ALA A 23 -13.90 -29.18 51.47
CA ALA A 23 -14.03 -28.14 52.53
C ALA A 23 -12.70 -27.39 52.75
N TYR A 24 -11.59 -28.12 52.92
CA TYR A 24 -10.27 -27.51 53.04
C TYR A 24 -9.73 -26.78 51.81
N ALA A 25 -9.91 -27.29 50.59
CA ALA A 25 -9.48 -26.55 49.45
C ALA A 25 -10.14 -25.15 49.33
N VAL A 26 -11.44 -25.13 49.59
CA VAL A 26 -12.28 -23.93 49.71
C VAL A 26 -11.67 -22.93 50.74
N GLN A 27 -11.45 -23.38 51.96
CA GLN A 27 -10.77 -22.61 53.00
C GLN A 27 -9.42 -22.05 52.55
N LEU A 28 -8.59 -22.92 52.00
CA LEU A 28 -7.26 -22.56 51.61
C LEU A 28 -7.21 -21.61 50.41
N LYS A 29 -8.15 -21.79 49.47
CA LYS A 29 -8.27 -20.87 48.34
C LYS A 29 -8.60 -19.45 48.78
N ASN A 30 -9.57 -19.33 49.66
CA ASN A 30 -9.97 -18.05 50.25
C ASN A 30 -8.87 -17.34 51.04
N ARG A 31 -8.07 -18.12 51.77
CA ARG A 31 -6.87 -17.58 52.42
C ARG A 31 -5.94 -16.96 51.36
N GLY A 32 -5.64 -17.72 50.31
CA GLY A 32 -4.92 -17.19 49.18
C GLY A 32 -5.52 -15.93 48.60
N ASN A 33 -6.84 -15.89 48.45
CA ASN A 33 -7.53 -14.68 47.94
C ASN A 33 -7.29 -13.45 48.86
N HIS A 34 -7.43 -13.65 50.16
CA HIS A 34 -7.02 -12.68 51.19
C HIS A 34 -5.62 -12.02 50.95
N PHE A 35 -4.60 -12.87 50.74
CA PHE A 35 -3.22 -12.44 50.48
C PHE A 35 -3.07 -11.73 49.12
N PHE A 36 -3.66 -12.29 48.06
CA PHE A 36 -3.73 -11.63 46.78
C PHE A 36 -4.25 -10.18 46.88
N THR A 37 -5.27 -9.98 47.73
CA THR A 37 -5.94 -8.69 47.93
C THR A 37 -5.04 -7.78 48.76
N ALA A 38 -4.28 -8.39 49.66
CA ALA A 38 -3.25 -7.71 50.47
C ALA A 38 -1.93 -7.52 49.72
N LYS A 39 -1.98 -7.66 48.39
N LYS A 39 -1.98 -7.69 48.40
CA LYS A 39 -0.82 -7.58 47.49
CA LYS A 39 -0.81 -7.56 47.51
C LYS A 39 0.38 -8.44 47.94
C LYS A 39 0.38 -8.42 47.97
N ASN A 40 0.08 -9.48 48.73
CA ASN A 40 1.08 -10.47 49.14
C ASN A 40 0.99 -11.76 48.28
N PHE A 41 1.50 -11.61 47.06
CA PHE A 41 1.45 -12.62 45.99
C PHE A 41 2.21 -13.92 46.18
N ASN A 42 3.30 -13.92 46.94
CA ASN A 42 3.97 -15.18 47.25
C ASN A 42 3.16 -16.01 48.29
N GLU A 43 2.51 -15.34 49.24
CA GLU A 43 1.59 -16.06 50.15
C GLU A 43 0.36 -16.60 49.41
N ALA A 44 -0.23 -15.77 48.55
CA ALA A 44 -1.36 -16.16 47.72
C ALA A 44 -1.04 -17.45 46.96
N ILE A 45 0.02 -17.42 46.16
CA ILE A 45 0.43 -18.58 45.35
C ILE A 45 0.60 -19.84 46.21
N LYS A 46 1.16 -19.67 47.39
CA LYS A 46 1.44 -20.78 48.30
C LYS A 46 0.17 -21.51 48.77
N TYR A 47 -0.84 -20.76 49.15
CA TYR A 47 -2.16 -21.29 49.50
C TYR A 47 -2.99 -21.91 48.35
N TYR A 48 -2.96 -21.28 47.18
CA TYR A 48 -3.51 -21.87 45.95
C TYR A 48 -2.89 -23.23 45.58
N GLN A 49 -1.57 -23.36 45.78
CA GLN A 49 -0.85 -24.63 45.53
C GLN A 49 -1.26 -25.69 46.60
N TYR A 50 -1.39 -25.30 47.85
CA TYR A 50 -2.11 -26.07 48.89
C TYR A 50 -3.54 -26.56 48.46
N ALA A 51 -4.37 -25.64 47.99
CA ALA A 51 -5.70 -26.02 47.53
C ALA A 51 -5.63 -27.00 46.35
N ILE A 52 -4.72 -26.75 45.39
CA ILE A 52 -4.46 -27.67 44.28
C ILE A 52 -4.14 -29.12 44.76
N GLU A 53 -3.38 -29.27 45.82
CA GLU A 53 -3.12 -30.60 46.39
C GLU A 53 -4.38 -31.32 46.88
N LEU A 54 -5.52 -30.62 46.97
CA LEU A 54 -6.73 -31.21 47.60
C LEU A 54 -7.88 -31.31 46.63
N ASP A 55 -7.76 -30.61 45.53
CA ASP A 55 -8.73 -30.70 44.45
C ASP A 55 -7.98 -30.13 43.23
N PRO A 56 -7.14 -31.00 42.62
CA PRO A 56 -6.42 -30.64 41.37
C PRO A 56 -7.35 -30.34 40.20
N ASN A 57 -8.62 -30.68 40.33
CA ASN A 57 -9.59 -30.56 39.24
C ASN A 57 -10.23 -29.16 39.04
N GLU A 58 -9.98 -28.23 39.95
CA GLU A 58 -10.71 -26.96 39.97
C GLU A 58 -9.96 -25.89 39.16
N PRO A 59 -10.52 -25.41 38.02
CA PRO A 59 -9.64 -24.48 37.25
C PRO A 59 -9.32 -23.12 37.92
N VAL A 60 -10.20 -22.71 38.84
CA VAL A 60 -10.06 -21.39 39.52
C VAL A 60 -8.73 -21.24 40.33
N PHE A 61 -8.27 -22.30 40.97
CA PHE A 61 -6.95 -22.32 41.61
C PHE A 61 -5.78 -21.96 40.68
N TYR A 62 -5.72 -22.61 39.52
CA TYR A 62 -4.75 -22.32 38.45
C TYR A 62 -4.94 -20.89 37.93
N SER A 63 -6.20 -20.49 37.78
CA SER A 63 -6.50 -19.17 37.23
C SER A 63 -6.06 -18.07 38.23
N ASN A 64 -6.27 -18.33 39.52
CA ASN A 64 -5.94 -17.40 40.58
C ASN A 64 -4.42 -17.27 40.66
N ILE A 65 -3.70 -18.39 40.51
CA ILE A 65 -2.25 -18.39 40.57
C ILE A 65 -1.61 -17.58 39.42
N SER A 66 -2.17 -17.71 38.22
CA SER A 66 -1.77 -16.91 37.10
C SER A 66 -2.05 -15.40 37.30
N ALA A 67 -3.07 -15.05 38.07
CA ALA A 67 -3.32 -13.63 38.39
C ALA A 67 -2.19 -13.08 39.29
N CYS A 68 -1.70 -13.91 40.18
CA CYS A 68 -0.58 -13.57 40.99
C CYS A 68 0.65 -13.25 40.16
N TYR A 69 0.93 -14.10 39.17
CA TYR A 69 2.09 -13.97 38.30
C TYR A 69 1.91 -12.82 37.28
N ILE A 70 0.68 -12.52 36.88
CA ILE A 70 0.42 -11.28 36.13
C ILE A 70 0.91 -10.08 37.01
N SER A 71 0.67 -10.17 38.31
CA SER A 71 1.02 -9.09 39.27
C SER A 71 2.49 -9.05 39.70
N THR A 72 3.30 -9.99 39.28
CA THR A 72 4.71 -9.97 39.65
C THR A 72 5.55 -9.72 38.38
N GLY A 73 4.88 -9.84 37.23
CA GLY A 73 5.49 -9.81 35.91
C GLY A 73 6.05 -11.12 35.40
N ASP A 74 5.80 -12.25 36.08
CA ASP A 74 6.34 -13.52 35.55
C ASP A 74 5.50 -14.17 34.44
N LEU A 75 5.83 -13.83 33.20
CA LEU A 75 4.98 -14.08 32.04
C LEU A 75 4.94 -15.54 31.61
N GLU A 76 6.11 -16.18 31.57
CA GLU A 76 6.19 -17.62 31.41
C GLU A 76 5.27 -18.35 32.43
N LYS A 77 5.22 -17.90 33.68
CA LYS A 77 4.39 -18.58 34.73
C LYS A 77 2.88 -18.37 34.52
N VAL A 78 2.53 -17.20 33.99
CA VAL A 78 1.16 -16.90 33.57
C VAL A 78 0.69 -17.89 32.49
N ILE A 79 1.58 -18.16 31.53
CA ILE A 79 1.30 -19.06 30.39
C ILE A 79 1.06 -20.50 30.92
N GLU A 80 1.98 -20.97 31.75
CA GLU A 80 1.87 -22.30 32.36
C GLU A 80 0.55 -22.44 33.13
N PHE A 81 0.27 -21.52 34.06
CA PHE A 81 -0.92 -21.66 34.91
C PHE A 81 -2.29 -21.43 34.21
N THR A 82 -2.35 -20.49 33.27
CA THR A 82 -3.54 -20.32 32.43
C THR A 82 -3.70 -21.56 31.54
N THR A 83 -2.60 -22.05 31.01
CA THR A 83 -2.70 -23.29 30.22
C THR A 83 -3.22 -24.50 31.09
N LYS A 84 -2.76 -24.60 32.34
CA LYS A 84 -3.33 -25.63 33.26
C LYS A 84 -4.83 -25.45 33.48
N ALA A 85 -5.29 -24.25 33.84
CA ALA A 85 -6.74 -23.89 33.82
C ALA A 85 -7.50 -24.28 32.52
N LEU A 86 -6.87 -24.09 31.37
CA LEU A 86 -7.54 -24.32 30.11
C LEU A 86 -7.53 -25.79 29.63
N GLU A 87 -6.51 -26.57 30.02
CA GLU A 87 -6.54 -28.06 29.92
C GLU A 87 -7.80 -28.66 30.59
N ILE A 88 -8.10 -28.25 31.82
CA ILE A 88 -9.35 -28.62 32.48
C ILE A 88 -10.58 -28.12 31.71
N LYS A 89 -10.66 -26.81 31.48
CA LYS A 89 -11.83 -26.14 30.94
C LYS A 89 -11.41 -25.12 29.86
N PRO A 90 -11.34 -25.55 28.57
CA PRO A 90 -10.84 -24.72 27.45
C PRO A 90 -11.58 -23.40 27.24
N ASP A 91 -12.71 -23.21 27.89
CA ASP A 91 -13.44 -21.96 27.67
C ASP A 91 -13.42 -20.95 28.85
N HIS A 92 -12.65 -21.26 29.90
CA HIS A 92 -12.53 -20.40 31.13
C HIS A 92 -12.08 -19.01 30.70
N SER A 93 -12.96 -18.03 30.86
CA SER A 93 -12.78 -16.70 30.25
CA SER A 93 -12.77 -16.71 30.24
C SER A 93 -11.57 -15.92 30.81
N LYS A 94 -11.42 -15.88 32.13
CA LYS A 94 -10.28 -15.17 32.69
C LYS A 94 -8.92 -15.80 32.30
N ALA A 95 -8.88 -17.13 32.15
CA ALA A 95 -7.62 -17.79 31.79
C ALA A 95 -7.27 -17.49 30.33
N LEU A 96 -8.28 -17.29 29.48
CA LEU A 96 -8.07 -16.92 28.11
C LEU A 96 -7.66 -15.45 28.03
N LEU A 97 -8.37 -14.61 28.79
CA LEU A 97 -7.99 -13.21 28.83
C LEU A 97 -6.54 -13.05 29.36
N ARG A 98 -6.20 -13.70 30.49
CA ARG A 98 -4.85 -13.56 31.02
C ARG A 98 -3.76 -14.14 30.14
N ARG A 99 -4.06 -15.23 29.43
CA ARG A 99 -3.03 -15.86 28.65
C ARG A 99 -2.75 -15.03 27.40
N ALA A 100 -3.79 -14.40 26.87
CA ALA A 100 -3.66 -13.52 25.72
C ALA A 100 -2.77 -12.32 26.03
N SER A 101 -2.91 -11.82 27.24
CA SER A 101 -2.22 -10.65 27.75
C SER A 101 -0.75 -10.94 27.94
N ALA A 102 -0.42 -12.09 28.51
CA ALA A 102 0.97 -12.50 28.69
C ALA A 102 1.65 -12.75 27.35
N ASN A 103 0.89 -13.24 26.38
CA ASN A 103 1.45 -13.56 25.09
C ASN A 103 1.68 -12.25 24.28
N GLU A 104 0.76 -11.28 24.39
CA GLU A 104 0.97 -9.95 23.82
C GLU A 104 2.28 -9.35 24.38
N SER A 105 2.44 -9.42 25.72
CA SER A 105 3.67 -9.02 26.45
C SER A 105 4.95 -9.74 26.04
N LEU A 106 4.83 -11.03 25.71
CA LEU A 106 5.96 -11.77 25.21
C LEU A 106 6.15 -11.44 23.71
N GLY A 107 5.25 -10.65 23.15
CA GLY A 107 5.22 -10.41 21.69
C GLY A 107 4.79 -11.61 20.85
N ASN A 108 4.14 -12.58 21.51
CA ASN A 108 3.46 -13.68 20.83
C ASN A 108 2.06 -13.26 20.39
N PHE A 109 2.00 -12.37 19.39
CA PHE A 109 0.75 -11.71 18.95
C PHE A 109 -0.29 -12.58 18.29
N THR A 110 0.14 -13.59 17.52
CA THR A 110 -0.78 -14.55 16.88
C THR A 110 -1.48 -15.43 17.98
N ASP A 111 -0.73 -15.87 18.97
CA ASP A 111 -1.32 -16.59 20.13
C ASP A 111 -2.30 -15.78 20.91
N ALA A 112 -1.91 -14.52 21.17
CA ALA A 112 -2.80 -13.55 21.76
C ALA A 112 -4.10 -13.47 20.97
N MET A 113 -4.00 -13.14 19.66
CA MET A 113 -5.15 -13.10 18.76
C MET A 113 -5.99 -14.38 18.71
N PHE A 114 -5.37 -15.56 18.72
CA PHE A 114 -6.10 -16.83 18.82
C PHE A 114 -6.97 -16.94 20.07
N ASP A 115 -6.39 -16.72 21.25
CA ASP A 115 -7.13 -16.82 22.53
C ASP A 115 -8.20 -15.78 22.63
N LEU A 116 -7.92 -14.58 22.15
CA LEU A 116 -8.91 -13.49 22.20
C LEU A 116 -10.07 -13.80 21.28
N SER A 117 -9.77 -14.36 20.11
CA SER A 117 -10.79 -14.91 19.20
C SER A 117 -11.66 -16.05 19.83
N VAL A 118 -11.02 -17.03 20.46
CA VAL A 118 -11.75 -18.09 21.16
C VAL A 118 -12.61 -17.50 22.29
N LEU A 119 -12.02 -16.67 23.14
CA LEU A 119 -12.79 -15.88 24.11
C LEU A 119 -14.02 -15.21 23.48
N SER A 120 -13.85 -14.78 22.24
CA SER A 120 -14.95 -14.63 21.28
C SER A 120 -14.74 -13.46 20.31
N PRO A 132 -11.21 -3.72 21.16
CA PRO A 132 -9.97 -3.07 20.70
C PRO A 132 -8.68 -3.89 20.85
N MET A 133 -8.73 -4.96 21.64
CA MET A 133 -7.51 -5.73 22.03
C MET A 133 -6.97 -6.58 20.88
N LEU A 134 -7.93 -7.16 20.14
CA LEU A 134 -7.69 -7.96 18.93
C LEU A 134 -7.09 -7.09 17.84
N GLU A 135 -7.68 -5.90 17.67
CA GLU A 135 -7.15 -4.81 16.84
C GLU A 135 -5.70 -4.53 17.11
N ARG A 136 -5.38 -4.25 18.39
CA ARG A 136 -4.02 -3.92 18.83
C ARG A 136 -2.99 -5.02 18.54
N ASN A 137 -3.30 -6.27 18.86
CA ASN A 137 -2.41 -7.39 18.54
C ASN A 137 -2.29 -7.59 17.04
N LEU A 138 -3.38 -7.40 16.32
CA LEU A 138 -3.33 -7.53 14.87
C LEU A 138 -2.35 -6.48 14.30
N ASN A 139 -2.47 -5.23 14.76
CA ASN A 139 -1.57 -4.12 14.33
C ASN A 139 -0.11 -4.34 14.74
N LYS A 140 0.12 -4.88 15.93
CA LYS A 140 1.50 -5.22 16.33
C LYS A 140 2.07 -6.39 15.53
N GLN A 141 1.22 -7.39 15.24
CA GLN A 141 1.62 -8.48 14.38
C GLN A 141 1.94 -7.91 12.98
N ALA A 142 1.08 -7.05 12.43
CA ALA A 142 1.40 -6.53 11.07
C ALA A 142 2.79 -5.84 11.00
N MET A 143 3.09 -5.04 12.02
CA MET A 143 4.35 -4.28 12.02
CA MET A 143 4.35 -4.28 12.10
C MET A 143 5.55 -5.19 12.24
N LYS A 144 5.40 -6.18 13.11
CA LYS A 144 6.44 -7.20 13.33
CA LYS A 144 6.45 -7.20 13.32
C LYS A 144 6.83 -7.90 12.01
N VAL A 145 5.83 -8.44 11.30
CA VAL A 145 6.09 -9.11 10.01
C VAL A 145 6.65 -8.09 8.96
N LEU A 146 6.09 -6.89 8.86
CA LEU A 146 6.61 -5.88 7.93
C LEU A 146 8.12 -5.56 8.20
N ASN A 147 8.47 -5.33 9.48
CA ASN A 147 9.88 -5.15 9.91
C ASN A 147 10.82 -6.31 9.59
N GLU A 148 10.36 -7.53 9.84
CA GLU A 148 11.10 -8.73 9.40
C GLU A 148 11.30 -8.75 7.88
N ASN A 149 10.26 -8.37 7.14
CA ASN A 149 10.31 -8.37 5.67
C ASN A 149 11.22 -7.27 5.08
N LEU A 150 11.18 -6.08 5.72
CA LEU A 150 12.11 -5.00 5.42
CA LEU A 150 12.11 -5.00 5.42
C LEU A 150 13.50 -5.31 5.95
N VAL A 160 11.75 -2.72 -7.31
CA VAL A 160 10.57 -3.13 -8.08
C VAL A 160 9.84 -1.94 -8.65
N LEU A 161 9.80 -1.83 -9.97
CA LEU A 161 9.12 -0.72 -10.64
C LEU A 161 7.60 -0.87 -10.55
N PRO A 162 6.91 0.26 -10.53
CA PRO A 162 5.46 0.26 -10.43
C PRO A 162 4.85 -0.48 -11.63
N SER A 163 3.54 -0.55 -11.66
CA SER A 163 2.81 -1.17 -12.77
CA SER A 163 2.83 -1.17 -12.76
C SER A 163 3.10 -0.52 -14.13
N ASN A 164 3.08 -1.34 -15.17
CA ASN A 164 3.15 -0.81 -16.51
C ASN A 164 2.09 0.23 -16.77
N THR A 165 0.87 -0.01 -16.23
CA THR A 165 -0.22 1.01 -16.27
C THR A 165 0.12 2.38 -15.72
N SER A 166 0.71 2.42 -14.51
CA SER A 166 1.17 3.66 -13.88
CA SER A 166 1.14 3.68 -13.90
C SER A 166 2.29 4.31 -14.64
N LEU A 167 3.21 3.51 -15.17
CA LEU A 167 4.34 4.09 -15.92
C LEU A 167 3.93 4.74 -17.24
N ALA A 168 2.99 4.09 -17.97
CA ALA A 168 2.47 4.66 -19.24
C ALA A 168 1.71 5.94 -18.86
N SER A 169 1.03 5.90 -17.72
CA SER A 169 0.32 7.11 -17.31
C SER A 169 1.35 8.25 -17.01
N PHE A 170 2.38 7.96 -16.18
CA PHE A 170 3.39 8.94 -15.90
C PHE A 170 4.04 9.60 -17.13
N PHE A 171 4.46 8.75 -18.07
CA PHE A 171 5.20 9.19 -19.22
C PHE A 171 4.34 9.75 -20.39
N GLY A 172 3.02 9.62 -20.25
CA GLY A 172 2.02 10.08 -21.22
C GLY A 172 2.13 11.54 -21.70
N ILE A 173 2.39 12.47 -20.79
CA ILE A 173 2.53 13.90 -21.13
C ILE A 173 3.78 14.24 -22.01
N PHE A 174 4.85 13.44 -21.96
CA PHE A 174 6.10 13.78 -22.62
C PHE A 174 6.03 13.57 -24.14
N ASP A 175 6.80 14.39 -24.85
CA ASP A 175 6.92 14.29 -26.30
C ASP A 175 8.03 13.26 -26.52
N SER A 176 7.67 12.03 -26.90
CA SER A 176 8.68 10.95 -26.98
C SER A 176 9.75 11.20 -28.02
N HIS A 177 9.41 11.76 -29.19
CA HIS A 177 10.44 11.95 -30.20
C HIS A 177 11.41 12.98 -29.67
N LEU A 178 10.92 14.04 -29.06
CA LEU A 178 11.79 15.04 -28.46
C LEU A 178 12.74 14.46 -27.36
N GLU A 179 12.16 13.75 -26.41
CA GLU A 179 12.94 13.01 -25.41
C GLU A 179 14.02 12.09 -25.97
N VAL A 180 13.67 11.21 -26.90
CA VAL A 180 14.70 10.33 -27.51
C VAL A 180 15.78 11.11 -28.30
N SER A 181 15.37 12.13 -29.06
N SER A 181 15.34 12.14 -29.02
CA SER A 181 16.38 12.85 -29.84
CA SER A 181 16.27 12.93 -29.83
C SER A 181 17.27 13.74 -28.97
C SER A 181 17.07 13.93 -29.01
N SER A 182 16.97 13.84 -27.66
CA SER A 182 17.70 14.75 -26.76
CA SER A 182 17.72 14.76 -26.78
C SER A 182 19.11 14.28 -26.45
N VAL A 183 19.42 13.06 -26.83
CA VAL A 183 20.75 12.50 -26.65
C VAL A 183 21.72 13.18 -27.67
N ASN A 184 22.80 13.75 -27.15
CA ASN A 184 23.89 14.29 -27.94
C ASN A 184 24.84 13.26 -28.54
N THR A 185 25.00 13.29 -29.87
CA THR A 185 25.91 12.38 -30.61
C THR A 185 27.32 12.93 -30.87
N SER A 186 27.60 14.14 -30.39
CA SER A 186 28.78 14.87 -30.84
C SER A 186 29.96 14.84 -29.90
N SER A 187 29.84 14.08 -28.79
CA SER A 187 30.97 13.95 -27.84
C SER A 187 32.18 13.21 -28.47
N ASN A 188 33.38 13.54 -28.00
CA ASN A 188 34.61 12.84 -28.39
C ASN A 188 35.04 11.81 -27.37
N TYR A 189 34.24 11.60 -26.32
CA TYR A 189 34.60 10.71 -25.20
C TYR A 189 33.46 9.88 -24.65
N ASP A 190 32.23 10.28 -24.98
CA ASP A 190 31.05 9.65 -24.43
C ASP A 190 30.87 8.22 -24.98
N THR A 191 31.24 7.25 -24.21
CA THR A 191 30.97 5.87 -24.64
C THR A 191 29.65 5.27 -24.04
N ALA A 192 28.82 6.11 -23.42
CA ALA A 192 27.53 5.69 -22.83
C ALA A 192 26.30 6.08 -23.60
N TYR A 193 26.44 7.00 -24.56
CA TYR A 193 25.28 7.69 -25.17
C TYR A 193 24.38 6.79 -26.03
N ALA A 194 24.97 5.78 -26.67
CA ALA A 194 24.24 4.79 -27.49
C ALA A 194 23.39 3.89 -26.53
N LEU A 195 23.96 3.52 -25.39
CA LEU A 195 23.18 2.79 -24.37
C LEU A 195 22.03 3.69 -23.83
N LEU A 196 22.31 4.99 -23.70
CA LEU A 196 21.30 5.88 -23.17
C LEU A 196 20.19 6.04 -24.20
N SER A 197 20.55 6.01 -25.46
CA SER A 197 19.60 6.26 -26.49
C SER A 197 18.68 5.02 -26.64
N ASP A 198 19.29 3.86 -26.53
CA ASP A 198 18.54 2.63 -26.36
C ASP A 198 17.55 2.62 -25.20
N ALA A 199 18.02 3.00 -24.01
CA ALA A 199 17.18 3.16 -22.81
C ALA A 199 15.98 4.07 -23.06
N LEU A 200 16.22 5.26 -23.62
CA LEU A 200 15.14 6.21 -23.93
C LEU A 200 14.18 5.69 -24.99
N GLN A 201 14.73 5.06 -26.02
CA GLN A 201 13.90 4.45 -27.06
C GLN A 201 12.99 3.40 -26.47
N ARG A 202 13.54 2.52 -25.65
CA ARG A 202 12.74 1.49 -24.94
C ARG A 202 11.71 2.14 -24.01
N LEU A 203 12.13 3.16 -23.27
CA LEU A 203 11.20 3.79 -22.34
C LEU A 203 9.96 4.25 -23.03
N TYR A 204 10.13 5.03 -24.11
CA TYR A 204 9.04 5.59 -24.83
C TYR A 204 8.32 4.68 -25.81
N SER A 205 8.77 3.44 -25.92
CA SER A 205 7.98 2.41 -26.56
C SER A 205 6.64 2.11 -25.82
N ALA A 206 6.56 2.45 -24.52
CA ALA A 206 5.34 2.21 -23.75
C ALA A 206 4.84 0.76 -23.91
N THR A 207 5.73 -0.17 -23.57
CA THR A 207 5.50 -1.61 -23.55
C THR A 207 6.08 -2.21 -22.26
N ASP A 208 5.57 -3.38 -21.83
CA ASP A 208 6.07 -4.13 -20.68
C ASP A 208 7.58 -4.32 -20.69
N GLU A 209 8.10 -4.87 -21.80
CA GLU A 209 9.57 -5.04 -22.06
C GLU A 209 10.24 -3.68 -22.03
N GLY A 210 9.62 -2.70 -22.66
CA GLY A 210 10.16 -1.35 -22.74
C GLY A 210 10.55 -0.78 -21.37
N TYR A 211 9.66 -0.88 -20.40
CA TYR A 211 9.97 -0.31 -19.07
C TYR A 211 11.05 -1.09 -18.31
N LEU A 212 11.07 -2.43 -18.53
CA LEU A 212 11.99 -3.31 -17.78
C LEU A 212 13.42 -3.05 -18.32
N VAL A 213 13.49 -2.98 -19.64
CA VAL A 213 14.73 -2.68 -20.33
C VAL A 213 15.17 -1.26 -20.03
N ALA A 214 14.29 -0.26 -20.17
CA ALA A 214 14.60 1.12 -19.77
C ALA A 214 15.24 1.22 -18.38
N ASN A 215 14.67 0.56 -17.37
CA ASN A 215 15.14 0.64 -15.98
C ASN A 215 16.58 0.10 -15.84
N ASP A 216 16.83 -1.00 -16.53
CA ASP A 216 18.13 -1.64 -16.53
C ASP A 216 19.18 -0.71 -17.19
N LEU A 217 18.90 -0.28 -18.40
CA LEU A 217 19.78 0.54 -19.22
C LEU A 217 20.07 1.95 -18.61
N LEU A 218 19.05 2.56 -18.04
CA LEU A 218 19.26 3.80 -17.28
C LEU A 218 20.25 3.61 -16.11
N THR A 219 20.05 2.58 -15.27
CA THR A 219 20.94 2.33 -14.17
C THR A 219 22.37 2.08 -14.68
N LYS A 220 22.47 1.28 -15.71
CA LYS A 220 23.77 1.03 -16.30
C LYS A 220 24.41 2.30 -16.89
N SER A 221 23.59 3.11 -17.58
CA SER A 221 24.08 4.39 -18.17
C SER A 221 24.63 5.32 -17.09
N THR A 222 23.88 5.50 -16.00
CA THR A 222 24.27 6.32 -14.83
C THR A 222 25.62 5.89 -14.28
N ASP A 223 25.84 4.55 -14.15
CA ASP A 223 27.07 4.00 -13.64
C ASP A 223 28.21 4.31 -14.59
N MET A 224 28.06 4.04 -15.87
CA MET A 224 29.04 4.56 -16.84
C MET A 224 29.28 6.08 -16.86
N TYR A 225 28.21 6.91 -16.86
CA TYR A 225 28.42 8.36 -16.68
C TYR A 225 29.17 8.74 -15.40
N HIS A 226 28.85 8.16 -14.21
CA HIS A 226 29.64 8.45 -12.99
C HIS A 226 31.18 8.15 -13.19
N SER A 227 31.50 7.03 -13.82
CA SER A 227 32.91 6.66 -14.13
CA SER A 227 32.91 6.67 -14.12
C SER A 227 33.57 7.64 -15.12
N LEU A 228 32.84 7.99 -16.17
CA LEU A 228 33.30 8.95 -17.21
C LEU A 228 33.61 10.35 -16.69
N LEU A 229 32.71 10.82 -15.82
CA LEU A 229 32.82 12.13 -15.18
C LEU A 229 34.01 12.22 -14.24
N SER A 230 34.42 11.11 -13.67
CA SER A 230 35.48 11.19 -12.71
C SER A 230 36.88 10.98 -13.34
N THR A 233 39.27 13.08 -18.99
CA THR A 233 38.72 14.32 -19.68
C THR A 233 37.31 14.15 -20.28
N VAL A 234 36.60 15.27 -20.33
CA VAL A 234 35.16 15.31 -20.57
C VAL A 234 34.90 16.50 -21.50
N ASP A 235 33.83 16.41 -22.29
CA ASP A 235 33.32 17.58 -23.05
C ASP A 235 31.82 17.87 -22.76
N ASP A 236 31.28 18.95 -23.31
CA ASP A 236 29.93 19.43 -22.94
C ASP A 236 28.80 18.53 -23.46
N PRO A 237 28.98 17.89 -24.65
CA PRO A 237 28.01 16.82 -25.03
C PRO A 237 27.94 15.62 -24.01
N LEU A 238 29.08 15.12 -23.52
CA LEU A 238 29.08 14.07 -22.47
C LEU A 238 28.40 14.55 -21.20
N ARG A 239 28.76 15.74 -20.69
CA ARG A 239 28.07 16.36 -19.54
C ARG A 239 26.55 16.53 -19.65
N GLU A 240 26.06 16.87 -20.82
CA GLU A 240 24.63 16.98 -21.04
C GLU A 240 23.93 15.63 -21.13
N ASN A 241 24.63 14.72 -21.77
CA ASN A 241 24.23 13.33 -21.83
C ASN A 241 24.13 12.78 -20.46
N ALA A 242 25.11 13.08 -19.64
CA ALA A 242 25.17 12.58 -18.26
C ALA A 242 23.99 13.12 -17.43
N ALA A 243 23.68 14.41 -17.61
CA ALA A 243 22.59 15.06 -16.94
C ALA A 243 21.23 14.42 -17.37
N LEU A 244 21.14 14.03 -18.65
CA LEU A 244 20.00 13.33 -19.10
C LEU A 244 19.82 11.89 -18.48
N ALA A 245 20.86 11.07 -18.44
CA ALA A 245 20.81 9.76 -17.83
C ALA A 245 20.47 9.89 -16.33
N LEU A 246 21.15 10.79 -15.60
CA LEU A 246 20.87 11.04 -14.19
C LEU A 246 19.42 11.50 -13.95
N CYS A 247 18.91 12.43 -14.80
CA CYS A 247 17.54 12.88 -14.75
C CYS A 247 16.54 11.72 -14.85
N TYR A 248 16.68 10.87 -15.86
CA TYR A 248 15.71 9.80 -16.04
C TYR A 248 15.86 8.62 -15.04
N THR A 249 17.09 8.26 -14.67
CA THR A 249 17.39 7.31 -13.61
C THR A 249 16.84 7.84 -12.27
N GLY A 250 17.04 9.15 -12.07
CA GLY A 250 16.43 9.89 -10.95
C GLY A 250 14.93 9.70 -10.87
N ILE A 251 14.23 9.95 -11.99
CA ILE A 251 12.76 9.80 -11.94
C ILE A 251 12.32 8.30 -11.73
N PHE A 252 13.08 7.36 -12.30
CA PHE A 252 12.85 5.91 -12.01
C PHE A 252 12.93 5.61 -10.54
N HIS A 253 13.92 6.19 -9.84
CA HIS A 253 13.96 6.06 -8.39
C HIS A 253 12.74 6.56 -7.66
N PHE A 254 12.30 7.78 -7.96
CA PHE A 254 11.04 8.37 -7.49
C PHE A 254 9.86 7.40 -7.70
N LEU A 255 9.71 6.91 -8.93
CA LEU A 255 8.66 5.96 -9.31
C LEU A 255 8.67 4.65 -8.49
N LYS A 256 9.85 4.20 -8.11
CA LYS A 256 10.05 3.05 -7.25
C LYS A 256 9.95 3.42 -5.78
N ASN A 257 9.85 4.71 -5.46
CA ASN A 257 9.72 5.22 -4.10
C ASN A 257 11.08 5.24 -3.37
N ASN A 258 12.15 5.39 -4.14
CA ASN A 258 13.49 5.58 -3.50
C ASN A 258 13.81 7.06 -3.49
N LEU A 259 13.18 7.83 -2.58
CA LEU A 259 13.15 9.30 -2.67
C LEU A 259 14.50 10.03 -2.48
N LEU A 260 15.36 9.50 -1.60
CA LEU A 260 16.72 9.99 -1.40
C LEU A 260 17.56 9.70 -2.62
N ASP A 261 17.50 8.45 -3.10
CA ASP A 261 18.16 8.09 -4.36
C ASP A 261 17.78 9.02 -5.54
N ALA A 262 16.48 9.23 -5.74
CA ALA A 262 16.00 10.14 -6.74
C ALA A 262 16.61 11.54 -6.56
N GLN A 263 16.54 12.10 -5.35
CA GLN A 263 17.06 13.47 -5.12
C GLN A 263 18.56 13.54 -5.42
N VAL A 264 19.33 12.60 -4.89
CA VAL A 264 20.75 12.56 -5.23
C VAL A 264 21.04 12.75 -6.76
N LEU A 265 20.40 11.99 -7.62
CA LEU A 265 20.78 11.96 -9.06
C LEU A 265 20.25 13.16 -9.79
N LEU A 266 19.09 13.64 -9.32
CA LEU A 266 18.42 14.79 -9.93
C LEU A 266 19.21 16.07 -9.60
N GLN A 267 19.65 16.17 -8.35
CA GLN A 267 20.64 17.19 -7.97
C GLN A 267 21.96 17.14 -8.81
N GLU A 268 22.58 15.96 -8.90
CA GLU A 268 23.68 15.74 -9.84
C GLU A 268 23.38 16.19 -11.30
N SER A 269 22.19 15.83 -11.79
CA SER A 269 21.79 16.19 -13.08
C SER A 269 21.71 17.75 -13.21
N ILE A 270 21.04 18.42 -12.26
CA ILE A 270 21.05 19.85 -12.13
C ILE A 270 22.47 20.45 -12.10
N ASN A 271 23.40 19.85 -11.36
CA ASN A 271 24.75 20.37 -11.27
C ASN A 271 25.40 20.40 -12.65
N LEU A 272 25.03 19.45 -13.49
CA LEU A 272 25.76 19.30 -14.75
C LEU A 272 25.13 20.15 -15.83
N HIS A 273 23.79 20.19 -15.88
CA HIS A 273 23.05 20.77 -17.03
C HIS A 273 21.59 20.91 -16.63
N PRO A 274 21.24 22.07 -16.01
CA PRO A 274 19.86 22.31 -15.63
C PRO A 274 18.90 22.23 -16.83
N THR A 275 17.77 21.51 -16.65
CA THR A 275 16.77 21.29 -17.69
C THR A 275 15.38 21.38 -17.05
N PRO A 276 14.37 21.68 -17.86
CA PRO A 276 13.09 21.63 -17.22
C PRO A 276 12.69 20.25 -16.56
N ASN A 277 13.01 19.12 -17.19
CA ASN A 277 12.64 17.79 -16.59
C ASN A 277 13.27 17.60 -15.22
N SER A 278 14.55 17.92 -15.06
CA SER A 278 15.20 17.82 -13.78
C SER A 278 14.53 18.57 -12.63
N TYR A 279 14.07 19.80 -12.91
CA TYR A 279 13.33 20.55 -11.92
C TYR A 279 11.95 19.97 -11.68
N ILE A 280 11.29 19.56 -12.75
CA ILE A 280 9.94 19.00 -12.60
C ILE A 280 10.03 17.76 -11.71
N PHE A 281 11.00 16.90 -12.01
CA PHE A 281 11.25 15.65 -11.33
C PHE A 281 11.69 15.83 -9.89
N LEU A 282 12.54 16.81 -9.64
CA LEU A 282 12.99 17.08 -8.27
C LEU A 282 11.87 17.69 -7.44
N ALA A 283 11.08 18.57 -8.09
CA ALA A 283 9.86 19.06 -7.42
C ALA A 283 8.92 17.89 -6.93
N LEU A 284 8.57 16.97 -7.80
CA LEU A 284 7.78 15.82 -7.47
C LEU A 284 8.38 14.97 -6.35
N THR A 285 9.71 14.74 -6.43
CA THR A 285 10.51 14.00 -5.44
C THR A 285 10.43 14.71 -4.09
N LEU A 286 10.37 16.04 -4.07
CA LEU A 286 10.35 16.76 -2.80
C LEU A 286 8.98 17.25 -2.37
N ALA A 287 7.90 16.85 -3.04
CA ALA A 287 6.56 17.36 -2.72
C ALA A 287 6.13 17.23 -1.25
N ASP A 288 5.43 18.25 -0.77
CA ASP A 288 5.27 18.46 0.68
C ASP A 288 3.88 18.98 0.94
N LYS A 289 3.02 18.08 1.42
CA LYS A 289 1.63 18.43 1.69
CA LYS A 289 1.62 18.41 1.73
C LYS A 289 1.44 19.56 2.71
N GLU A 290 2.44 19.84 3.53
CA GLU A 290 2.37 20.89 4.55
C GLU A 290 2.57 22.30 3.99
N ASN A 291 3.38 22.40 2.97
CA ASN A 291 3.86 23.70 2.52
C ASN A 291 4.32 23.54 1.07
N SER A 292 3.61 24.27 0.18
CA SER A 292 3.79 24.12 -1.26
C SER A 292 4.85 25.05 -1.89
N GLN A 293 5.42 25.94 -1.09
CA GLN A 293 6.17 27.06 -1.65
C GLN A 293 7.39 26.62 -2.49
N GLU A 294 8.17 25.66 -1.94
CA GLU A 294 9.35 25.08 -2.65
C GLU A 294 8.99 24.40 -3.99
N PHE A 295 7.91 23.63 -4.00
CA PHE A 295 7.39 23.07 -5.26
C PHE A 295 7.24 24.19 -6.38
N PHE A 296 6.51 25.26 -6.05
CA PHE A 296 6.25 26.33 -7.05
C PHE A 296 7.48 27.07 -7.46
N LYS A 297 8.42 27.15 -6.51
CA LYS A 297 9.75 27.71 -6.70
CA LYS A 297 9.74 27.73 -6.71
C LYS A 297 10.58 26.92 -7.74
N PHE A 298 10.62 25.59 -7.60
CA PHE A 298 11.21 24.72 -8.66
C PHE A 298 10.54 24.90 -10.01
N PHE A 299 9.22 24.93 -10.00
CA PHE A 299 8.51 25.15 -11.24
C PHE A 299 8.78 26.49 -11.98
N GLN A 300 9.12 27.54 -11.22
CA GLN A 300 9.48 28.85 -11.79
C GLN A 300 10.84 28.73 -12.48
N LYS A 301 11.78 28.04 -11.82
CA LYS A 301 13.06 27.74 -12.39
C LYS A 301 12.94 26.94 -13.69
N ALA A 302 12.02 25.97 -13.73
CA ALA A 302 11.79 25.13 -14.90
C ALA A 302 11.24 26.01 -16.03
N VAL A 303 10.25 26.87 -15.70
CA VAL A 303 9.64 27.89 -16.64
C VAL A 303 10.72 28.77 -17.28
N ASP A 304 11.55 29.43 -16.47
CA ASP A 304 12.69 30.23 -16.98
C ASP A 304 13.62 29.52 -17.94
N LEU A 305 13.94 28.26 -17.68
CA LEU A 305 14.77 27.43 -18.57
C LEU A 305 14.17 27.15 -19.93
N ASN A 306 12.83 27.07 -19.98
CA ASN A 306 12.11 26.97 -21.22
C ASN A 306 10.63 27.30 -21.07
N PRO A 307 10.24 28.58 -21.34
CA PRO A 307 8.84 28.98 -21.17
C PRO A 307 7.90 28.26 -22.15
N GLU A 308 8.44 27.60 -23.15
CA GLU A 308 7.60 26.92 -24.13
CA GLU A 308 7.67 26.91 -24.20
C GLU A 308 7.53 25.40 -23.93
N TYR A 309 7.89 24.89 -22.74
CA TYR A 309 7.93 23.39 -22.52
CA TYR A 309 7.91 23.40 -22.57
C TYR A 309 6.59 22.89 -21.97
N PRO A 310 5.82 22.16 -22.78
CA PRO A 310 4.49 21.90 -22.19
C PRO A 310 4.42 21.04 -20.82
N PRO A 311 5.24 19.96 -20.64
CA PRO A 311 5.17 19.17 -19.36
C PRO A 311 5.35 20.08 -18.10
N THR A 312 5.93 21.27 -18.26
CA THR A 312 6.16 22.12 -17.06
C THR A 312 4.78 22.60 -16.54
N TYR A 313 3.93 22.98 -17.50
CA TYR A 313 2.67 23.61 -17.15
C TYR A 313 1.69 22.52 -16.74
N TYR A 314 1.73 21.41 -17.46
CA TYR A 314 0.86 20.30 -17.19
C TYR A 314 1.09 19.79 -15.78
N HIS A 315 2.35 19.63 -15.40
CA HIS A 315 2.66 19.21 -14.03
C HIS A 315 2.34 20.19 -12.91
N ARG A 316 2.60 21.47 -13.19
CA ARG A 316 2.24 22.48 -12.23
C ARG A 316 0.72 22.49 -12.08
N GLY A 317 -0.03 22.34 -13.18
CA GLY A 317 -1.51 22.37 -13.17
C GLY A 317 -2.05 21.18 -12.38
N GLN A 318 -1.41 20.00 -12.51
CA GLN A 318 -1.74 18.85 -11.72
C GLN A 318 -1.63 19.15 -10.21
N MET A 319 -0.54 19.75 -9.75
CA MET A 319 -0.50 20.30 -8.41
C MET A 319 -1.61 21.31 -8.05
N TYR A 320 -1.83 22.35 -8.86
CA TYR A 320 -2.96 23.26 -8.52
C TYR A 320 -4.24 22.41 -8.39
N PHE A 321 -4.39 21.41 -9.27
CA PHE A 321 -5.60 20.54 -9.29
C PHE A 321 -5.73 19.80 -7.94
N ILE A 322 -4.62 19.18 -7.55
CA ILE A 322 -4.51 18.49 -6.25
CA ILE A 322 -4.56 18.49 -6.24
C ILE A 322 -4.87 19.45 -5.10
N LEU A 323 -4.41 20.72 -5.21
CA LEU A 323 -4.69 21.74 -4.20
C LEU A 323 -6.07 22.38 -4.36
N GLN A 324 -6.91 21.81 -5.25
CA GLN A 324 -8.23 22.40 -5.64
C GLN A 324 -8.17 23.85 -6.08
N ASP A 325 -6.99 24.31 -6.49
CA ASP A 325 -6.95 25.71 -6.99
C ASP A 325 -7.35 25.67 -8.45
N TYR A 326 -8.68 25.63 -8.72
CA TYR A 326 -9.12 25.18 -10.06
C TYR A 326 -8.82 26.26 -11.14
N LYS A 327 -8.88 27.53 -10.72
CA LYS A 327 -8.60 28.68 -11.62
C LYS A 327 -7.19 28.60 -12.17
N ASN A 328 -6.19 28.47 -11.30
CA ASN A 328 -4.83 28.30 -11.72
C ASN A 328 -4.56 26.98 -12.42
N ALA A 329 -5.22 25.88 -12.01
CA ALA A 329 -5.03 24.63 -12.73
C ALA A 329 -5.40 24.78 -14.22
N LYS A 330 -6.59 25.37 -14.44
CA LYS A 330 -7.09 25.61 -15.79
C LYS A 330 -6.14 26.40 -16.67
N GLU A 331 -5.59 27.50 -16.14
CA GLU A 331 -4.71 28.31 -16.95
CA GLU A 331 -4.60 28.36 -16.85
C GLU A 331 -3.43 27.54 -17.34
N ASP A 332 -2.91 26.71 -16.42
CA ASP A 332 -1.73 25.89 -16.70
C ASP A 332 -2.00 24.80 -17.70
N PHE A 333 -3.15 24.18 -17.58
CA PHE A 333 -3.52 23.17 -18.55
C PHE A 333 -3.83 23.74 -19.91
N GLN A 334 -4.45 24.91 -19.97
CA GLN A 334 -4.64 25.59 -21.30
C GLN A 334 -3.32 25.90 -21.93
N LYS A 335 -2.36 26.36 -21.11
CA LYS A 335 -1.02 26.62 -21.58
C LYS A 335 -0.30 25.38 -22.12
N ALA A 336 -0.34 24.26 -21.36
CA ALA A 336 0.24 23.00 -21.87
C ALA A 336 -0.48 22.60 -23.17
N GLN A 337 -1.79 22.79 -23.21
CA GLN A 337 -2.58 22.41 -24.39
CA GLN A 337 -2.58 22.41 -24.39
CA GLN A 337 -2.61 22.41 -24.39
C GLN A 337 -2.16 23.19 -25.66
N SER A 338 -2.00 24.52 -25.52
CA SER A 338 -1.61 25.39 -26.65
C SER A 338 -0.19 25.04 -27.13
N LEU A 339 0.72 24.69 -26.21
CA LEU A 339 2.10 24.35 -26.61
C LEU A 339 2.22 23.02 -27.26
N ASN A 340 1.41 22.03 -26.85
CA ASN A 340 1.31 20.74 -27.53
C ASN A 340 -0.14 20.30 -27.70
N PRO A 341 -0.84 20.86 -28.71
CA PRO A 341 -2.26 20.45 -28.92
C PRO A 341 -2.51 18.97 -29.31
N GLU A 342 -1.44 18.21 -29.61
CA GLU A 342 -1.68 16.85 -30.00
CA GLU A 342 -1.47 16.79 -30.02
C GLU A 342 -1.60 15.85 -28.82
N ASN A 343 -1.35 16.36 -27.62
CA ASN A 343 -1.40 15.44 -26.46
C ASN A 343 -2.83 15.48 -25.83
N VAL A 344 -3.42 14.30 -25.66
CA VAL A 344 -4.76 14.14 -25.13
C VAL A 344 -4.86 14.60 -23.67
N TYR A 345 -3.75 14.63 -22.96
CA TYR A 345 -3.86 14.74 -21.47
C TYR A 345 -4.31 16.10 -20.95
N PRO A 346 -3.79 17.22 -21.54
CA PRO A 346 -4.33 18.55 -21.14
C PRO A 346 -5.85 18.74 -21.34
N TYR A 347 -6.40 18.20 -22.44
CA TYR A 347 -7.85 18.15 -22.74
C TYR A 347 -8.65 17.44 -21.61
N ILE A 348 -8.19 16.23 -21.25
CA ILE A 348 -8.76 15.48 -20.17
C ILE A 348 -8.81 16.21 -18.83
N GLN A 349 -7.70 16.75 -18.39
CA GLN A 349 -7.69 17.50 -17.15
C GLN A 349 -8.65 18.68 -17.15
N LEU A 350 -8.72 19.38 -18.29
CA LEU A 350 -9.65 20.48 -18.50
C LEU A 350 -11.11 20.03 -18.39
N ALA A 351 -11.45 18.88 -18.96
CA ALA A 351 -12.80 18.34 -18.78
C ALA A 351 -13.08 17.93 -17.32
N CYS A 352 -12.10 17.36 -16.66
CA CYS A 352 -12.18 16.94 -15.26
C CYS A 352 -12.37 18.16 -14.32
N LEU A 353 -11.69 19.27 -14.60
CA LEU A 353 -11.90 20.52 -13.89
C LEU A 353 -13.36 21.00 -13.95
N LEU A 354 -14.02 20.91 -15.10
CA LEU A 354 -15.42 21.37 -15.23
C LEU A 354 -16.32 20.52 -14.33
N TYR A 355 -16.04 19.21 -14.29
CA TYR A 355 -16.79 18.32 -13.41
C TYR A 355 -16.54 18.65 -11.93
N LYS A 356 -15.28 18.85 -11.51
CA LYS A 356 -14.97 19.24 -10.12
CA LYS A 356 -14.97 19.24 -10.12
CA LYS A 356 -14.98 19.23 -10.11
C LYS A 356 -15.61 20.60 -9.76
N GLN A 357 -15.71 21.50 -10.73
CA GLN A 357 -16.49 22.76 -10.50
C GLN A 357 -18.04 22.58 -10.40
N GLY A 358 -18.58 21.36 -10.55
CA GLY A 358 -20.00 21.14 -10.61
C GLY A 358 -20.68 21.55 -11.92
N LYS A 359 -19.95 21.52 -13.04
CA LYS A 359 -20.53 21.66 -14.36
C LYS A 359 -20.44 20.32 -15.22
N PHE A 360 -21.18 19.28 -14.83
CA PHE A 360 -21.16 17.97 -15.49
C PHE A 360 -21.44 17.97 -17.01
N THR A 361 -22.52 18.63 -17.46
CA THR A 361 -22.81 18.82 -18.89
C THR A 361 -21.67 19.42 -19.72
N GLU A 362 -21.12 20.55 -19.25
CA GLU A 362 -19.94 21.16 -19.82
C GLU A 362 -18.73 20.20 -19.81
N SER A 363 -18.61 19.41 -18.75
CA SER A 363 -17.55 18.41 -18.68
C SER A 363 -17.75 17.38 -19.77
N GLU A 364 -18.95 16.77 -19.77
CA GLU A 364 -19.35 15.74 -20.71
C GLU A 364 -19.19 16.19 -22.18
N ALA A 365 -19.58 17.45 -22.46
CA ALA A 365 -19.37 18.13 -23.74
C ALA A 365 -17.88 18.30 -24.06
N PHE A 366 -17.06 18.65 -23.07
CA PHE A 366 -15.63 18.70 -23.34
C PHE A 366 -15.04 17.30 -23.64
N PHE A 367 -15.43 16.28 -22.86
CA PHE A 367 -15.04 14.90 -23.18
C PHE A 367 -15.49 14.57 -24.60
N ASN A 368 -16.73 14.88 -25.00
CA ASN A 368 -17.18 14.46 -26.33
C ASN A 368 -16.37 15.14 -27.45
N GLU A 369 -16.12 16.44 -27.32
CA GLU A 369 -15.29 17.11 -28.33
CA GLU A 369 -15.30 17.16 -28.28
C GLU A 369 -13.87 16.55 -28.30
N THR A 370 -13.39 16.11 -27.11
CA THR A 370 -12.05 15.48 -27.03
C THR A 370 -12.03 14.10 -27.73
N LYS A 371 -13.12 13.34 -27.60
CA LYS A 371 -13.24 12.05 -28.25
CA LYS A 371 -13.20 12.06 -28.25
C LYS A 371 -13.28 12.20 -29.79
N LEU A 372 -13.89 13.28 -30.26
CA LEU A 372 -13.92 13.61 -31.70
C LEU A 372 -12.57 13.88 -32.30
N LYS A 373 -11.73 14.60 -31.57
CA LYS A 373 -10.31 14.80 -31.94
C LYS A 373 -9.36 13.58 -31.75
N PHE A 374 -9.65 12.74 -30.74
CA PHE A 374 -8.83 11.56 -30.48
C PHE A 374 -9.72 10.35 -30.38
N PRO A 375 -10.35 9.94 -31.51
CA PRO A 375 -11.33 8.86 -31.46
C PRO A 375 -10.69 7.50 -31.25
N THR A 376 -9.36 7.37 -31.34
CA THR A 376 -8.80 6.06 -31.04
C THR A 376 -8.30 5.92 -29.57
N LEU A 377 -8.33 7.00 -28.78
CA LEU A 377 -7.61 7.04 -27.47
C LEU A 377 -8.46 6.58 -26.28
N PRO A 378 -8.07 5.45 -25.66
CA PRO A 378 -8.82 4.91 -24.51
C PRO A 378 -8.76 5.83 -23.28
N GLU A 379 -7.83 6.78 -23.27
CA GLU A 379 -7.74 7.76 -22.19
C GLU A 379 -9.05 8.51 -22.00
N VAL A 380 -9.76 8.79 -23.07
CA VAL A 380 -10.92 9.66 -22.97
C VAL A 380 -12.12 8.92 -22.29
N PRO A 381 -12.56 7.77 -22.82
CA PRO A 381 -13.62 7.08 -22.09
C PRO A 381 -13.21 6.56 -20.68
N THR A 382 -11.92 6.32 -20.46
CA THR A 382 -11.50 5.85 -19.13
C THR A 382 -11.70 6.91 -18.04
N PHE A 383 -11.25 8.14 -18.30
CA PHE A 383 -11.38 9.20 -17.32
C PHE A 383 -12.84 9.62 -17.26
N PHE A 384 -13.56 9.71 -18.41
CA PHE A 384 -14.98 10.00 -18.36
C PHE A 384 -15.74 8.91 -17.53
N ALA A 385 -15.50 7.61 -17.82
CA ALA A 385 -16.01 6.49 -16.90
C ALA A 385 -15.88 6.72 -15.42
N GLU A 386 -14.72 7.20 -14.97
CA GLU A 386 -14.51 7.56 -13.55
C GLU A 386 -15.46 8.67 -13.06
N ILE A 387 -15.76 9.65 -13.91
CA ILE A 387 -16.69 10.73 -13.53
C ILE A 387 -18.12 10.18 -13.46
N LEU A 388 -18.48 9.36 -14.44
CA LEU A 388 -19.76 8.67 -14.41
C LEU A 388 -19.99 7.81 -13.11
N THR A 389 -18.93 7.12 -12.70
CA THR A 389 -18.92 6.31 -11.47
C THR A 389 -19.14 7.18 -10.22
N ASP A 390 -18.38 8.26 -10.16
CA ASP A 390 -18.56 9.29 -9.15
C ASP A 390 -19.96 9.90 -9.09
N ARG A 391 -20.65 9.98 -10.21
CA ARG A 391 -22.04 10.45 -10.21
C ARG A 391 -23.01 9.35 -9.88
N GLY A 392 -22.51 8.12 -9.85
CA GLY A 392 -23.40 6.95 -9.58
C GLY A 392 -24.07 6.53 -10.84
N ASP A 393 -23.56 6.95 -12.00
CA ASP A 393 -24.10 6.38 -13.26
C ASP A 393 -23.25 5.19 -13.75
N PHE A 394 -23.49 4.05 -13.11
CA PHE A 394 -22.63 2.89 -13.16
C PHE A 394 -22.73 2.13 -14.47
N ASP A 395 -23.92 2.11 -15.03
CA ASP A 395 -24.16 1.36 -16.21
C ASP A 395 -23.49 2.09 -17.39
N THR A 396 -23.60 3.42 -17.45
CA THR A 396 -22.86 4.19 -18.47
C THR A 396 -21.35 4.07 -18.30
N ALA A 397 -20.88 4.17 -17.05
CA ALA A 397 -19.48 3.97 -16.70
C ALA A 397 -18.91 2.63 -17.25
N ILE A 398 -19.58 1.51 -16.99
CA ILE A 398 -19.21 0.21 -17.51
C ILE A 398 -19.16 0.25 -19.05
N LYS A 399 -20.20 0.76 -19.71
CA LYS A 399 -20.12 0.93 -21.18
C LYS A 399 -18.87 1.68 -21.68
N GLN A 400 -18.52 2.78 -21.02
CA GLN A 400 -17.31 3.53 -21.30
C GLN A 400 -16.01 2.72 -21.03
N TYR A 401 -15.99 2.00 -19.92
CA TYR A 401 -14.92 1.02 -19.66
C TYR A 401 -14.82 -0.07 -20.70
N ASP A 402 -15.96 -0.57 -21.18
CA ASP A 402 -15.95 -1.57 -22.21
C ASP A 402 -15.34 -1.04 -23.52
N ILE A 403 -15.67 0.20 -23.87
CA ILE A 403 -15.09 0.92 -25.04
C ILE A 403 -13.58 1.15 -24.89
N ALA A 404 -13.16 1.65 -23.73
CA ALA A 404 -11.73 1.94 -23.50
C ALA A 404 -10.87 0.66 -23.63
N LYS A 405 -11.42 -0.47 -23.18
CA LYS A 405 -10.69 -1.72 -23.19
CA LYS A 405 -10.77 -1.76 -23.18
C LYS A 405 -10.47 -2.22 -24.61
N ARG A 406 -11.56 -2.21 -25.40
CA ARG A 406 -11.47 -2.43 -26.83
C ARG A 406 -10.54 -1.42 -27.54
N LEU A 407 -10.59 -0.19 -27.23
CA LEU A 407 -9.65 0.76 -27.79
C LEU A 407 -8.20 0.47 -27.32
N GLU A 408 -8.03 0.02 -26.05
CA GLU A 408 -6.70 -0.26 -25.55
C GLU A 408 -6.05 -1.42 -26.34
N GLU A 409 -6.88 -2.42 -26.67
CA GLU A 409 -6.52 -3.66 -27.38
C GLU A 409 -6.00 -3.50 -28.77
N VAL A 410 -6.37 -2.39 -29.42
CA VAL A 410 -6.12 -2.10 -30.80
C VAL A 410 -4.81 -1.29 -30.89
N GLN A 411 -4.50 -0.48 -29.87
CA GLN A 411 -3.23 0.24 -29.81
C GLN A 411 -1.98 -0.62 -29.79
N GLU A 412 -0.90 -0.04 -30.28
CA GLU A 412 0.41 -0.68 -30.33
CA GLU A 412 0.40 -0.73 -30.31
C GLU A 412 1.20 -0.36 -29.03
N LYS A 413 0.89 0.76 -28.41
CA LYS A 413 1.49 1.16 -27.16
C LYS A 413 0.47 0.91 -26.01
N ILE A 414 1.00 0.88 -24.78
CA ILE A 414 0.16 1.04 -23.55
C ILE A 414 -0.31 2.53 -23.47
N HIS A 415 -1.62 2.70 -23.30
CA HIS A 415 -2.25 3.99 -23.00
C HIS A 415 -2.87 3.96 -21.60
N VAL A 416 -3.95 3.18 -21.44
CA VAL A 416 -4.57 3.06 -20.12
C VAL A 416 -4.32 1.72 -19.39
N GLY A 417 -3.62 0.77 -20.05
CA GLY A 417 -3.30 -0.51 -19.36
C GLY A 417 -4.51 -1.25 -18.95
N ILE A 418 -4.51 -1.73 -17.69
CA ILE A 418 -5.59 -2.53 -17.08
C ILE A 418 -6.56 -1.66 -16.28
N GLY A 419 -6.43 -0.33 -16.37
CA GLY A 419 -7.37 0.57 -15.70
C GLY A 419 -8.83 0.28 -16.01
N PRO A 420 -9.22 0.13 -17.31
CA PRO A 420 -10.63 -0.35 -17.59
C PRO A 420 -11.07 -1.69 -16.98
N LEU A 421 -10.15 -2.65 -16.84
CA LEU A 421 -10.50 -3.92 -16.11
C LEU A 421 -10.82 -3.72 -14.63
N ILE A 422 -9.98 -2.96 -13.96
CA ILE A 422 -10.18 -2.58 -12.58
C ILE A 422 -11.40 -1.68 -12.44
N GLY A 423 -11.53 -0.62 -13.27
CA GLY A 423 -12.74 0.17 -13.22
C GLY A 423 -14.02 -0.66 -13.28
N LYS A 424 -14.14 -1.53 -14.26
CA LYS A 424 -15.33 -2.32 -14.44
C LYS A 424 -15.47 -3.35 -13.28
N ALA A 425 -14.37 -3.95 -12.82
CA ALA A 425 -14.49 -4.97 -11.81
C ALA A 425 -14.96 -4.41 -10.49
N THR A 426 -14.41 -3.27 -10.08
CA THR A 426 -14.78 -2.61 -8.82
C THR A 426 -16.30 -2.35 -8.77
N ILE A 427 -16.87 -1.92 -9.90
CA ILE A 427 -18.31 -1.62 -9.98
C ILE A 427 -19.15 -2.90 -9.88
N LEU A 428 -18.77 -3.90 -10.64
CA LEU A 428 -19.46 -5.18 -10.65
C LEU A 428 -19.38 -5.88 -9.31
N ALA A 429 -18.22 -5.78 -8.66
CA ALA A 429 -18.02 -6.43 -7.34
C ALA A 429 -18.90 -5.73 -6.30
N ARG A 430 -18.91 -4.41 -6.36
CA ARG A 430 -19.77 -3.64 -5.52
C ARG A 430 -21.24 -3.94 -5.82
N GLN A 431 -21.69 -3.72 -7.04
CA GLN A 431 -23.08 -3.98 -7.43
C GLN A 431 -23.59 -5.38 -7.05
N SER A 432 -22.71 -6.39 -7.06
CA SER A 432 -23.16 -7.74 -6.71
C SER A 432 -23.46 -7.85 -5.20
N SER A 433 -23.41 -6.67 -4.56
CA SER A 433 -23.66 -6.40 -3.12
C SER A 433 -22.75 -7.15 -2.14
N LEU A 439 -26.68 -12.59 -3.06
CA LEU A 439 -25.49 -12.10 -3.75
C LEU A 439 -25.58 -12.34 -5.25
N ASP A 440 -25.32 -11.30 -6.03
CA ASP A 440 -25.37 -11.39 -7.48
C ASP A 440 -24.19 -12.20 -8.02
N GLU A 441 -24.32 -13.52 -7.97
CA GLU A 441 -23.27 -14.41 -8.46
C GLU A 441 -22.52 -14.59 -9.77
N GLU A 442 -23.13 -14.15 -10.87
CA GLU A 442 -22.57 -13.66 -12.13
C GLU A 442 -21.68 -12.44 -11.90
N LYS A 443 -22.31 -11.32 -11.57
CA LYS A 443 -21.58 -10.08 -11.32
C LYS A 443 -20.30 -10.34 -10.54
N PHE A 444 -20.41 -11.13 -9.48
CA PHE A 444 -19.26 -11.45 -8.64
C PHE A 444 -18.21 -12.25 -9.43
N ASN A 445 -18.68 -13.19 -10.25
CA ASN A 445 -17.78 -14.02 -11.05
C ASN A 445 -17.15 -13.29 -12.19
N ALA A 446 -17.93 -12.42 -12.82
CA ALA A 446 -17.47 -11.42 -13.80
C ALA A 446 -16.31 -10.55 -13.26
N ALA A 447 -16.47 -9.97 -12.08
CA ALA A 447 -15.47 -9.21 -11.37
C ALA A 447 -14.18 -9.98 -11.11
N ILE A 448 -14.31 -11.20 -10.58
CA ILE A 448 -13.22 -12.17 -10.45
C ILE A 448 -12.44 -12.41 -11.71
N LYS A 449 -13.10 -12.77 -12.80
CA LYS A 449 -12.40 -12.98 -14.07
CA LYS A 449 -12.42 -12.97 -14.07
C LYS A 449 -11.75 -11.67 -14.59
N LEU A 450 -12.38 -10.52 -14.36
CA LEU A 450 -11.74 -9.23 -14.78
C LEU A 450 -10.42 -8.93 -14.00
N LEU A 451 -10.51 -9.00 -12.68
CA LEU A 451 -9.33 -8.88 -11.81
C LEU A 451 -8.22 -9.94 -12.01
N THR A 452 -8.60 -11.17 -12.28
CA THR A 452 -7.62 -12.21 -12.63
C THR A 452 -6.90 -11.85 -13.93
N LYS A 453 -7.67 -11.57 -14.99
CA LYS A 453 -7.11 -10.99 -16.21
C LYS A 453 -6.17 -9.79 -15.93
N ALA A 454 -6.62 -8.84 -15.12
CA ALA A 454 -5.86 -7.63 -14.87
C ALA A 454 -4.49 -7.97 -14.21
N CYS A 455 -4.52 -8.84 -13.17
CA CYS A 455 -3.30 -9.36 -12.51
C CYS A 455 -2.34 -10.05 -13.47
N GLU A 456 -2.88 -10.77 -14.45
CA GLU A 456 -2.03 -11.40 -15.48
C GLU A 456 -1.34 -10.44 -16.46
N LEU A 457 -2.09 -9.44 -16.96
CA LEU A 457 -1.61 -8.49 -17.96
C LEU A 457 -0.66 -7.51 -17.28
N ASP A 458 -0.89 -7.20 -16.01
CA ASP A 458 -0.06 -6.18 -15.27
C ASP A 458 0.32 -6.68 -13.86
N PRO A 459 1.20 -7.69 -13.82
CA PRO A 459 1.53 -8.44 -12.57
C PRO A 459 2.06 -7.54 -11.44
N ARG A 460 2.62 -6.39 -11.78
CA ARG A 460 3.19 -5.51 -10.77
C ARG A 460 2.14 -4.57 -10.26
N SER A 461 0.91 -4.76 -10.69
CA SER A 461 -0.18 -3.90 -10.13
C SER A 461 -0.66 -4.37 -8.71
N GLU A 462 -0.30 -3.63 -7.67
CA GLU A 462 -0.79 -3.83 -6.30
CA GLU A 462 -0.79 -3.81 -6.30
C GLU A 462 -2.31 -3.81 -6.25
N GLN A 463 -2.89 -2.86 -6.98
CA GLN A 463 -4.33 -2.61 -7.02
C GLN A 463 -5.11 -3.81 -7.59
N ALA A 464 -4.58 -4.45 -8.63
CA ALA A 464 -5.28 -5.59 -9.17
C ALA A 464 -5.19 -6.78 -8.16
N LYS A 465 -4.03 -6.95 -7.51
CA LYS A 465 -3.86 -8.06 -6.55
C LYS A 465 -4.72 -7.90 -5.31
N ILE A 466 -4.63 -6.74 -4.69
CA ILE A 466 -5.41 -6.49 -3.50
C ILE A 466 -6.90 -6.62 -3.76
N GLY A 467 -7.33 -6.12 -4.92
CA GLY A 467 -8.70 -6.19 -5.39
C GLY A 467 -9.17 -7.61 -5.58
N LEU A 468 -8.35 -8.42 -6.27
CA LEU A 468 -8.59 -9.85 -6.29
C LEU A 468 -8.58 -10.55 -4.87
N ALA A 469 -7.62 -10.18 -4.01
CA ALA A 469 -7.45 -10.77 -2.70
C ALA A 469 -8.73 -10.64 -1.84
N GLN A 470 -9.35 -9.47 -1.93
CA GLN A 470 -10.58 -9.17 -1.19
C GLN A 470 -11.76 -10.06 -1.67
N LEU A 471 -11.82 -10.33 -2.99
CA LEU A 471 -12.84 -11.20 -3.54
C LEU A 471 -12.61 -12.69 -3.17
N LYS A 472 -11.35 -13.12 -3.21
CA LYS A 472 -10.95 -14.45 -2.81
C LYS A 472 -11.34 -14.73 -1.35
N LEU A 473 -11.03 -13.78 -0.47
CA LEU A 473 -11.45 -13.76 0.90
C LEU A 473 -12.98 -13.80 1.05
N GLN A 474 -13.75 -13.03 0.27
CA GLN A 474 -15.20 -13.12 0.33
C GLN A 474 -15.73 -14.50 -0.10
N MET A 475 -15.07 -15.14 -1.06
CA MET A 475 -15.37 -16.52 -1.48
C MET A 475 -14.86 -17.53 -0.48
N GLU A 476 -14.31 -17.06 0.65
CA GLU A 476 -13.57 -17.92 1.61
C GLU A 476 -12.40 -18.67 0.96
N LYS A 477 -11.72 -18.05 -0.02
CA LYS A 477 -10.52 -18.67 -0.54
C LYS A 477 -9.31 -18.14 0.21
N ILE A 478 -9.15 -18.54 1.48
CA ILE A 478 -8.20 -17.87 2.41
C ILE A 478 -6.75 -18.03 1.93
N ASP A 479 -6.35 -19.25 1.56
CA ASP A 479 -5.00 -19.50 1.07
CA ASP A 479 -5.00 -19.52 1.04
C ASP A 479 -4.65 -18.55 -0.12
N GLU A 480 -5.51 -18.51 -1.12
CA GLU A 480 -5.27 -17.64 -2.31
C GLU A 480 -5.24 -16.15 -1.92
N ALA A 481 -6.18 -15.74 -1.07
CA ALA A 481 -6.24 -14.40 -0.57
C ALA A 481 -4.93 -13.96 0.15
N ILE A 482 -4.44 -14.81 1.07
CA ILE A 482 -3.16 -14.52 1.78
C ILE A 482 -2.01 -14.27 0.80
N GLU A 483 -1.86 -15.16 -0.17
CA GLU A 483 -0.78 -15.00 -1.13
C GLU A 483 -0.92 -13.66 -1.89
N LEU A 484 -2.15 -13.33 -2.26
CA LEU A 484 -2.43 -12.09 -2.96
C LEU A 484 -2.09 -10.89 -2.11
N PHE A 485 -2.46 -10.93 -0.82
CA PHE A 485 -2.20 -9.82 0.08
C PHE A 485 -0.70 -9.63 0.28
N GLU A 486 0.00 -10.76 0.40
CA GLU A 486 1.43 -10.78 0.60
C GLU A 486 2.19 -10.20 -0.64
N ASP A 487 1.88 -10.69 -1.85
CA ASP A 487 2.43 -10.07 -3.06
C ASP A 487 2.16 -8.55 -3.10
N SER A 488 0.92 -8.14 -2.77
CA SER A 488 0.51 -6.72 -2.76
C SER A 488 1.30 -5.89 -1.83
N ALA A 489 1.72 -6.48 -0.69
CA ALA A 489 2.58 -5.82 0.31
C ALA A 489 3.96 -5.60 -0.25
N ILE A 490 4.51 -6.61 -0.94
CA ILE A 490 5.81 -6.44 -1.67
C ILE A 490 5.75 -5.29 -2.69
N LEU A 491 4.61 -5.23 -3.40
CA LEU A 491 4.39 -4.28 -4.49
C LEU A 491 4.03 -2.88 -4.03
N ALA A 492 3.36 -2.77 -2.88
CA ALA A 492 2.98 -1.46 -2.38
C ALA A 492 4.18 -0.49 -2.31
N ARG A 493 3.90 0.80 -2.52
CA ARG A 493 4.98 1.82 -2.42
C ARG A 493 5.25 2.35 -0.99
N THR A 494 4.24 2.95 -0.35
CA THR A 494 4.40 3.48 1.00
C THR A 494 4.48 2.40 2.12
N MET A 495 5.04 2.79 3.27
CA MET A 495 4.89 2.02 4.53
C MET A 495 3.44 1.73 4.80
N ASP A 496 2.61 2.77 4.78
CA ASP A 496 1.19 2.65 5.10
C ASP A 496 0.45 1.65 4.23
N GLU A 497 0.75 1.62 2.93
CA GLU A 497 0.21 0.65 2.02
C GLU A 497 0.81 -0.72 2.23
N LYS A 498 2.12 -0.78 2.44
CA LYS A 498 2.75 -2.05 2.77
C LYS A 498 2.17 -2.70 4.04
N LEU A 499 1.80 -1.86 5.03
CA LEU A 499 1.30 -2.29 6.31
C LEU A 499 -0.21 -2.64 6.22
N GLN A 500 -0.98 -1.86 5.46
CA GLN A 500 -2.36 -2.25 5.17
C GLN A 500 -2.39 -3.66 4.53
N ALA A 501 -1.55 -3.90 3.50
CA ALA A 501 -1.54 -5.21 2.84
C ALA A 501 -1.21 -6.34 3.83
N THR A 502 -0.19 -6.11 4.67
CA THR A 502 0.29 -7.16 5.56
C THR A 502 -0.73 -7.48 6.66
N THR A 503 -1.39 -6.45 7.14
CA THR A 503 -2.47 -6.50 8.08
C THR A 503 -3.60 -7.40 7.55
N PHE A 504 -4.02 -7.20 6.30
CA PHE A 504 -5.02 -8.06 5.68
C PHE A 504 -4.53 -9.51 5.66
N ALA A 505 -3.28 -9.74 5.22
CA ALA A 505 -2.71 -11.09 5.21
C ALA A 505 -2.61 -11.74 6.62
N GLU A 506 -2.28 -10.94 7.63
CA GLU A 506 -2.07 -11.48 8.99
C GLU A 506 -3.43 -11.79 9.63
N ALA A 507 -4.44 -10.99 9.31
CA ALA A 507 -5.81 -11.23 9.78
C ALA A 507 -6.32 -12.59 9.30
N ALA A 508 -6.01 -12.84 8.04
CA ALA A 508 -6.47 -13.98 7.28
C ALA A 508 -5.79 -15.23 7.76
N LYS A 509 -4.51 -15.12 8.11
CA LYS A 509 -3.77 -16.22 8.73
C LYS A 509 -4.37 -16.62 10.06
N ILE A 510 -4.91 -15.65 10.80
CA ILE A 510 -5.56 -16.00 12.07
C ILE A 510 -6.88 -16.73 11.83
N GLN A 511 -7.66 -16.25 10.86
CA GLN A 511 -8.91 -16.89 10.48
C GLN A 511 -8.66 -18.34 10.00
N LYS A 512 -7.64 -18.52 9.16
CA LYS A 512 -7.15 -19.85 8.76
C LYS A 512 -6.76 -20.80 9.93
N ARG A 513 -6.22 -20.26 11.04
CA ARG A 513 -5.78 -21.01 12.20
C ARG A 513 -6.98 -21.48 13.08
N LEU A 514 -7.97 -20.60 13.24
CA LEU A 514 -9.22 -20.86 13.90
C LEU A 514 -10.00 -21.94 13.15
N ARG A 515 -9.97 -21.88 11.83
CA ARG A 515 -10.67 -22.89 11.05
C ARG A 515 -9.89 -24.17 11.00
N ALA A 516 -8.57 -24.09 10.97
CA ALA A 516 -7.74 -25.28 11.10
C ALA A 516 -8.14 -26.10 12.34
N PRO B 6 -14.73 -10.84 38.77
CA PRO B 6 -15.63 -10.49 37.67
C PRO B 6 -14.87 -10.02 36.44
N THR B 7 -13.80 -9.26 36.66
CA THR B 7 -12.98 -8.75 35.57
C THR B 7 -11.67 -9.39 36.03
N VAL B 8 -10.57 -8.97 35.42
CA VAL B 8 -9.30 -9.67 35.25
C VAL B 8 -8.36 -9.43 36.42
N GLU B 9 -8.44 -8.23 37.00
CA GLU B 9 -7.60 -7.88 38.14
C GLU B 9 -8.15 -8.47 39.44
N GLU B 10 -9.16 -9.32 39.31
CA GLU B 10 -9.78 -9.95 40.47
C GLU B 10 -9.62 -11.47 40.41
N VAL B 11 -9.36 -12.09 41.58
CA VAL B 11 -9.42 -13.56 41.75
C VAL B 11 -10.86 -14.07 42.00
N ASP B 12 -11.02 -15.37 42.08
CA ASP B 12 -12.33 -15.99 42.31
C ASP B 12 -12.25 -17.04 43.44
#